data_2GNO
#
_entry.id   2GNO
#
_cell.length_a   135.560
_cell.length_b   135.560
_cell.length_c   35.560
_cell.angle_alpha   90.000
_cell.angle_beta   90.000
_cell.angle_gamma   90.000
#
_symmetry.space_group_name_H-M   'I 4'
#
loop_
_entity.id
_entity.type
_entity.pdbx_description
1 polymer 'DNA polymerase III, gamma subunit-related protein'
2 non-polymer 'SODIUM ION'
3 non-polymer 'UNKNOWN LIGAND'
4 non-polymer 2-ETHOXYETHANOL
5 water water
#
_entity_poly.entity_id   1
_entity_poly.type   'polypeptide(L)'
_entity_poly.pdbx_seq_one_letter_code
;GAKDQLETLKRIIEKSEGISILINGEDLSYPREVSLELPEYVEKFPPKASDVLEIDPEGENIGIDDIRTIKDFLNYSPEL
YTRKYVIVHDCER(MSE)TQQAANAFLKALEEPPEYAVIVLNTRRWHYLLPTIKSRVFRVVVNVPKEFRDLVKEKIGDLW
EELPLLERDFKTALEAYKLGAEKLSGL(MSE)ESLKVLETEKLLKKVLSKGLEGYLACRELLERFSKVESKEFFALFDQV
TNTITGKDAFLLIQRLTRIILHENTWESVEDQKSVSFLDSILRVKIANLNNKLTL(MSE)NILAIHRERKRGVNAWS
;
_entity_poly.pdbx_strand_id   A
#
# COMPACT_ATOMS: atom_id res chain seq x y z
N ASP A 4 -11.36 14.87 13.01
CA ASP A 4 -12.54 15.37 12.26
C ASP A 4 -13.23 14.25 11.47
N GLN A 5 -12.45 13.50 10.69
CA GLN A 5 -12.98 12.41 9.86
C GLN A 5 -13.46 11.29 10.78
N LEU A 6 -12.54 10.79 11.61
CA LEU A 6 -12.81 9.72 12.58
C LEU A 6 -14.01 10.05 13.49
N GLU A 7 -14.15 11.31 13.89
CA GLU A 7 -15.24 11.75 14.77
C GLU A 7 -16.60 11.71 14.08
N THR A 8 -16.64 12.03 12.78
CA THR A 8 -17.88 12.00 12.00
C THR A 8 -18.37 10.56 11.87
N LEU A 9 -17.43 9.65 11.58
CA LEU A 9 -17.70 8.21 11.50
C LEU A 9 -18.19 7.63 12.81
N LYS A 10 -17.53 8.00 13.90
CA LYS A 10 -17.86 7.56 15.25
C LYS A 10 -19.33 7.80 15.58
N ARG A 11 -19.79 9.00 15.25
CA ARG A 11 -21.17 9.43 15.48
C ARG A 11 -22.19 8.64 14.64
N ILE A 12 -21.84 8.43 13.37
CA ILE A 12 -22.65 7.67 12.41
C ILE A 12 -22.77 6.23 12.93
N ILE A 13 -21.63 5.67 13.38
CA ILE A 13 -21.56 4.34 13.94
C ILE A 13 -22.35 4.18 15.23
N GLU A 14 -22.21 5.12 16.16
CA GLU A 14 -22.93 5.03 17.44
C GLU A 14 -24.48 5.11 17.33
N LYS A 15 -25.00 5.68 16.24
CA LYS A 15 -26.46 5.74 16.00
C LYS A 15 -26.84 4.80 14.83
N SER A 16 -26.14 3.66 14.74
CA SER A 16 -26.37 2.60 13.76
C SER A 16 -26.56 1.27 14.49
N GLU A 17 -27.44 0.44 13.96
CA GLU A 17 -27.74 -0.88 14.52
C GLU A 17 -27.30 -1.87 13.48
N GLY A 18 -26.00 -1.80 13.22
CA GLY A 18 -25.31 -2.62 12.25
C GLY A 18 -25.01 -1.66 11.12
N ILE A 19 -23.78 -1.68 10.61
CA ILE A 19 -23.43 -0.80 9.51
C ILE A 19 -22.26 -1.32 8.71
N SER A 20 -22.36 -1.13 7.40
CA SER A 20 -21.34 -1.48 6.44
C SER A 20 -20.86 -0.15 5.89
N ILE A 21 -19.56 0.10 6.00
CA ILE A 21 -18.95 1.35 5.56
C ILE A 21 -17.83 1.03 4.60
N LEU A 22 -17.65 1.90 3.62
CA LEU A 22 -16.60 1.77 2.65
C LEU A 22 -15.79 3.02 2.79
N ILE A 23 -14.53 2.86 3.17
CA ILE A 23 -13.60 3.99 3.30
C ILE A 23 -12.88 4.05 1.96
N ASN A 24 -13.06 5.18 1.28
CA ASN A 24 -12.54 5.40 -0.06
C ASN A 24 -11.57 6.58 -0.16
N GLY A 25 -10.45 6.39 -0.83
CA GLY A 25 -9.48 7.49 -0.95
C GLY A 25 -8.44 7.23 -2.00
N GLU A 26 -7.81 8.30 -2.49
CA GLU A 26 -6.76 8.18 -3.51
C GLU A 26 -5.38 7.81 -2.95
N ASP A 27 -5.11 8.10 -1.66
CA ASP A 27 -3.81 7.77 -1.04
C ASP A 27 -3.60 6.26 -1.07
N LEU A 28 -2.36 5.83 -1.15
CA LEU A 28 -2.05 4.37 -1.20
C LEU A 28 -2.37 3.59 0.06
N SER A 29 -2.20 4.24 1.23
CA SER A 29 -2.44 3.60 2.53
C SER A 29 -3.40 4.30 3.48
N TYR A 30 -3.81 5.57 3.25
CA TYR A 30 -4.71 6.25 4.17
C TYR A 30 -6.05 5.52 4.38
N PRO A 31 -6.74 5.03 3.31
CA PRO A 31 -7.97 4.25 3.52
C PRO A 31 -7.79 3.06 4.46
N ARG A 32 -6.70 2.31 4.28
N ARG A 32 -6.69 2.31 4.29
CA ARG A 32 -6.36 1.16 5.13
CA ARG A 32 -6.36 1.17 5.14
C ARG A 32 -6.08 1.55 6.57
C ARG A 32 -6.09 1.57 6.57
N GLU A 33 -5.30 2.63 6.76
CA GLU A 33 -4.95 3.13 8.12
C GLU A 33 -6.10 3.76 8.87
N VAL A 34 -6.97 4.45 8.14
CA VAL A 34 -8.18 4.99 8.76
C VAL A 34 -9.05 3.80 9.27
N SER A 35 -9.17 2.77 8.43
CA SER A 35 -9.93 1.55 8.75
C SER A 35 -9.40 0.86 9.99
N LEU A 36 -8.08 0.68 10.05
CA LEU A 36 -7.41 0.06 11.19
C LEU A 36 -7.49 0.78 12.52
N GLU A 37 -7.44 2.10 12.47
CA GLU A 37 -7.54 2.92 13.67
C GLU A 37 -8.99 3.19 14.08
N LEU A 38 -9.95 2.89 13.22
CA LEU A 38 -11.35 3.20 13.52
C LEU A 38 -11.94 2.56 14.75
N PRO A 39 -11.79 1.24 14.93
CA PRO A 39 -12.39 0.60 16.09
C PRO A 39 -11.94 1.16 17.43
N GLU A 40 -10.64 1.37 17.59
CA GLU A 40 -10.12 1.97 18.82
C GLU A 40 -10.59 3.40 18.98
N TYR A 41 -10.70 4.14 17.89
CA TYR A 41 -11.19 5.51 17.97
C TYR A 41 -12.64 5.55 18.46
N VAL A 42 -13.48 4.62 18.00
CA VAL A 42 -14.87 4.57 18.43
C VAL A 42 -15.00 4.05 19.87
N GLU A 43 -14.27 3.01 20.20
CA GLU A 43 -14.36 2.35 21.47
C GLU A 43 -13.49 2.93 22.59
N LYS A 44 -12.49 3.75 22.24
CA LYS A 44 -11.56 4.33 23.19
C LYS A 44 -10.92 3.25 24.01
N PHE A 45 -10.55 2.17 23.34
CA PHE A 45 -9.92 1.04 23.99
C PHE A 45 -9.25 0.27 22.86
N PRO A 46 -8.07 -0.33 23.09
CA PRO A 46 -7.42 -1.07 22.00
C PRO A 46 -8.14 -2.39 21.66
N PRO A 47 -8.05 -2.87 20.41
CA PRO A 47 -8.75 -4.08 19.96
C PRO A 47 -8.19 -5.48 20.26
N LYS A 48 -8.99 -6.31 20.94
CA LYS A 48 -8.61 -7.68 21.19
C LYS A 48 -8.99 -8.41 19.87
N ALA A 49 -8.33 -9.53 19.55
CA ALA A 49 -8.60 -10.27 18.30
C ALA A 49 -10.01 -10.85 18.21
N SER A 50 -10.63 -11.09 19.35
CA SER A 50 -12.00 -11.58 19.39
C SER A 50 -13.01 -10.52 18.94
N ASP A 51 -12.65 -9.24 19.03
CA ASP A 51 -13.51 -8.09 18.67
C ASP A 51 -13.30 -7.42 17.29
N VAL A 52 -12.13 -7.58 16.68
CA VAL A 52 -11.81 -7.03 15.36
C VAL A 52 -11.10 -8.05 14.46
N LEU A 53 -11.62 -8.26 13.25
CA LEU A 53 -11.04 -9.20 12.29
C LEU A 53 -10.58 -8.42 11.07
N GLU A 54 -9.35 -8.69 10.65
CA GLU A 54 -8.77 -8.05 9.48
C GLU A 54 -8.67 -9.09 8.36
N ILE A 55 -9.21 -8.76 7.19
CA ILE A 55 -9.16 -9.62 6.01
C ILE A 55 -8.26 -8.90 5.03
N ASP A 56 -7.16 -9.55 4.67
CA ASP A 56 -6.19 -8.98 3.72
C ASP A 56 -5.30 -10.13 3.15
N PRO A 57 -5.83 -10.93 2.22
CA PRO A 57 -5.02 -12.03 1.66
C PRO A 57 -3.76 -11.54 0.95
N GLU A 58 -2.73 -12.38 0.87
CA GLU A 58 -1.46 -11.99 0.20
C GLU A 58 -1.54 -11.77 -1.31
N GLY A 59 -2.52 -12.39 -1.98
CA GLY A 59 -2.66 -12.26 -3.44
C GLY A 59 -3.55 -11.12 -3.89
N GLU A 60 -4.10 -11.25 -5.10
CA GLU A 60 -5.01 -10.25 -5.71
C GLU A 60 -6.50 -10.62 -5.67
N ASN A 61 -6.89 -11.61 -4.86
CA ASN A 61 -8.30 -12.05 -4.75
C ASN A 61 -8.79 -12.30 -3.32
N ILE A 62 -10.01 -11.88 -3.02
CA ILE A 62 -10.67 -12.14 -1.74
C ILE A 62 -11.79 -13.11 -2.13
N GLY A 63 -11.65 -14.38 -1.76
CA GLY A 63 -12.62 -15.39 -2.11
C GLY A 63 -13.76 -15.64 -1.16
N ILE A 64 -14.68 -16.51 -1.60
CA ILE A 64 -15.86 -16.89 -0.81
C ILE A 64 -15.47 -17.53 0.53
N ASP A 65 -14.29 -18.15 0.59
CA ASP A 65 -13.79 -18.75 1.82
C ASP A 65 -13.52 -17.63 2.85
N ASP A 66 -12.94 -16.50 2.40
CA ASP A 66 -12.71 -15.35 3.28
C ASP A 66 -14.04 -14.80 3.76
N ILE A 67 -15.08 -14.85 2.93
CA ILE A 67 -16.41 -14.37 3.33
C ILE A 67 -17.02 -15.32 4.38
N ARG A 68 -16.77 -16.62 4.25
CA ARG A 68 -17.28 -17.55 5.26
C ARG A 68 -16.63 -17.23 6.60
N THR A 69 -15.33 -16.95 6.60
CA THR A 69 -14.59 -16.60 7.80
C THR A 69 -15.23 -15.42 8.50
N ILE A 70 -15.52 -14.38 7.73
CA ILE A 70 -16.15 -13.17 8.22
C ILE A 70 -17.53 -13.50 8.83
N LYS A 71 -18.35 -14.24 8.09
CA LYS A 71 -19.70 -14.58 8.58
C LYS A 71 -19.69 -15.37 9.91
N ASP A 72 -18.73 -16.28 10.08
CA ASP A 72 -18.61 -17.05 11.33
C ASP A 72 -18.22 -16.10 12.48
N PHE A 73 -17.28 -15.20 12.21
CA PHE A 73 -16.80 -14.22 13.17
C PHE A 73 -17.93 -13.29 13.61
N LEU A 74 -18.74 -12.80 12.65
CA LEU A 74 -19.87 -11.92 12.99
C LEU A 74 -21.02 -12.58 13.76
N ASN A 75 -21.12 -13.91 13.78
CA ASN A 75 -22.20 -14.58 14.53
C ASN A 75 -22.14 -14.54 16.08
N TYR A 76 -20.99 -14.12 16.62
N TYR A 76 -21.01 -14.15 16.64
CA TYR A 76 -20.76 -14.00 18.07
CA TYR A 76 -20.87 -14.04 18.10
C TYR A 76 -20.62 -12.55 18.49
C TYR A 76 -20.57 -12.60 18.52
N SER A 77 -20.97 -12.27 19.75
CA SER A 77 -20.83 -10.92 20.29
C SER A 77 -19.39 -10.54 20.64
N PRO A 78 -19.10 -9.23 20.70
CA PRO A 78 -17.78 -8.80 21.11
C PRO A 78 -17.58 -9.06 22.62
N GLU A 79 -16.34 -9.30 23.04
CA GLU A 79 -16.02 -9.56 24.44
C GLU A 79 -15.93 -8.29 25.26
N LEU A 80 -15.03 -7.39 24.84
CA LEU A 80 -14.77 -6.11 25.52
C LEU A 80 -15.46 -4.93 24.89
N TYR A 81 -15.45 -4.88 23.56
CA TYR A 81 -16.06 -3.80 22.85
C TYR A 81 -17.60 -3.83 22.85
N THR A 82 -18.21 -2.67 22.58
CA THR A 82 -19.67 -2.54 22.45
C THR A 82 -20.04 -3.19 21.11
N ARG A 83 -19.23 -2.89 20.08
CA ARG A 83 -19.39 -3.43 18.74
C ARG A 83 -18.22 -4.33 18.28
N LYS A 84 -18.52 -5.23 17.34
CA LYS A 84 -17.55 -6.13 16.72
C LYS A 84 -17.22 -5.50 15.34
N TYR A 85 -15.96 -5.53 14.94
CA TYR A 85 -15.53 -4.90 13.70
C TYR A 85 -14.85 -5.85 12.72
N VAL A 86 -15.14 -5.69 11.43
CA VAL A 86 -14.49 -6.49 10.40
C VAL A 86 -13.88 -5.50 9.43
N ILE A 87 -12.57 -5.63 9.17
CA ILE A 87 -11.86 -4.76 8.24
C ILE A 87 -11.47 -5.57 7.00
N VAL A 88 -11.91 -5.12 5.83
CA VAL A 88 -11.59 -5.82 4.57
C VAL A 88 -10.81 -4.81 3.74
N HIS A 89 -9.50 -5.03 3.60
CA HIS A 89 -8.66 -4.09 2.86
C HIS A 89 -8.72 -4.30 1.37
N ASP A 90 -8.79 -3.21 0.58
CA ASP A 90 -8.84 -3.32 -0.89
C ASP A 90 -9.90 -4.32 -1.36
N CYS A 91 -11.14 -4.04 -0.96
CA CYS A 91 -12.31 -4.90 -1.21
C CYS A 91 -12.78 -5.16 -2.65
N GLU A 92 -12.26 -4.39 -3.61
CA GLU A 92 -12.56 -4.61 -5.04
C GLU A 92 -12.02 -5.96 -5.48
N ARG A 93 -11.07 -6.50 -4.72
CA ARG A 93 -10.50 -7.81 -4.95
C ARG A 93 -11.52 -8.95 -4.75
N THR A 95 -14.32 -11.63 -5.28
CA THR A 95 -14.77 -12.37 -6.44
C THR A 95 -16.27 -12.22 -6.49
N GLN A 96 -16.88 -12.64 -7.60
CA GLN A 96 -18.35 -12.57 -7.75
C GLN A 96 -19.05 -13.45 -6.71
N GLN A 97 -18.43 -14.60 -6.39
CA GLN A 97 -18.97 -15.52 -5.40
C GLN A 97 -18.88 -14.91 -4.01
N ALA A 98 -17.75 -14.24 -3.72
CA ALA A 98 -17.50 -13.57 -2.44
C ALA A 98 -18.48 -12.42 -2.23
N ALA A 99 -18.65 -11.59 -3.26
CA ALA A 99 -19.60 -10.48 -3.19
C ALA A 99 -21.02 -10.98 -2.96
N ASN A 100 -21.44 -11.96 -3.77
CA ASN A 100 -22.76 -12.58 -3.68
C ASN A 100 -23.03 -13.13 -2.29
N ALA A 101 -22.07 -13.89 -1.76
CA ALA A 101 -22.19 -14.48 -0.43
C ALA A 101 -22.22 -13.46 0.70
N PHE A 102 -21.72 -12.24 0.45
CA PHE A 102 -21.63 -11.20 1.48
C PHE A 102 -22.78 -10.18 1.49
N LEU A 103 -23.77 -10.34 0.62
CA LEU A 103 -24.89 -9.39 0.53
C LEU A 103 -25.78 -9.34 1.76
N LYS A 104 -26.17 -10.49 2.31
CA LYS A 104 -27.03 -10.56 3.52
C LYS A 104 -26.36 -9.91 4.74
N ALA A 105 -25.11 -10.28 5.00
CA ALA A 105 -24.36 -9.70 6.12
C ALA A 105 -24.08 -8.21 5.88
N LEU A 106 -23.83 -7.80 4.63
CA LEU A 106 -23.59 -6.39 4.33
C LEU A 106 -24.84 -5.54 4.47
N GLU A 107 -25.98 -6.01 3.93
CA GLU A 107 -27.23 -5.24 4.00
C GLU A 107 -27.82 -5.19 5.40
N GLU A 108 -27.75 -6.31 6.11
CA GLU A 108 -28.27 -6.40 7.47
C GLU A 108 -27.26 -7.05 8.39
N PRO A 109 -26.20 -6.30 8.77
CA PRO A 109 -25.23 -6.90 9.65
C PRO A 109 -25.82 -6.99 11.05
N PRO A 110 -25.27 -7.87 11.90
CA PRO A 110 -25.78 -7.95 13.26
C PRO A 110 -25.78 -6.56 13.91
N GLU A 111 -26.77 -6.28 14.75
CA GLU A 111 -26.91 -4.98 15.47
C GLU A 111 -25.60 -4.47 16.08
N TYR A 112 -24.79 -5.41 16.59
CA TYR A 112 -23.50 -5.14 17.21
C TYR A 112 -22.31 -5.11 16.21
N ALA A 113 -22.54 -5.25 14.91
CA ALA A 113 -21.46 -5.28 13.92
C ALA A 113 -21.18 -4.01 13.10
N VAL A 114 -19.91 -3.80 12.81
CA VAL A 114 -19.47 -2.69 11.96
C VAL A 114 -18.56 -3.34 10.94
N ILE A 115 -18.91 -3.27 9.67
CA ILE A 115 -18.08 -3.85 8.62
C ILE A 115 -17.41 -2.65 7.96
N VAL A 116 -16.08 -2.66 7.94
CA VAL A 116 -15.29 -1.57 7.38
C VAL A 116 -14.51 -2.08 6.17
N LEU A 117 -15.04 -1.82 5.00
CA LEU A 117 -14.41 -2.18 3.76
C LEU A 117 -13.60 -0.97 3.34
N ASN A 118 -12.54 -1.18 2.57
CA ASN A 118 -11.78 -0.05 2.03
C ASN A 118 -11.28 -0.34 0.62
N THR A 119 -11.18 0.73 -0.16
CA THR A 119 -10.76 0.64 -1.55
C THR A 119 -10.45 2.04 -2.04
N ARG A 120 -9.77 2.11 -3.17
CA ARG A 120 -9.42 3.39 -3.81
C ARG A 120 -10.18 3.54 -5.15
N ARG A 121 -11.05 2.57 -5.45
CA ARG A 121 -11.75 2.45 -6.70
C ARG A 121 -13.26 2.18 -6.49
N TRP A 122 -14.03 3.20 -6.08
CA TRP A 122 -15.49 3.03 -5.83
C TRP A 122 -16.30 2.33 -6.96
N HIS A 123 -16.00 2.70 -8.20
CA HIS A 123 -16.71 2.13 -9.36
C HIS A 123 -16.32 0.68 -9.74
N TYR A 124 -15.22 0.14 -9.19
CA TYR A 124 -14.78 -1.28 -9.39
C TYR A 124 -15.70 -2.28 -8.65
N LEU A 125 -16.41 -1.80 -7.63
CA LEU A 125 -17.31 -2.62 -6.84
C LEU A 125 -18.59 -2.91 -7.61
N LEU A 126 -19.17 -4.08 -7.35
CA LEU A 126 -20.41 -4.48 -8.00
C LEU A 126 -21.51 -3.57 -7.42
N PRO A 127 -22.49 -3.14 -8.24
CA PRO A 127 -23.57 -2.28 -7.68
C PRO A 127 -24.24 -2.88 -6.43
N THR A 128 -24.24 -4.21 -6.34
CA THR A 128 -24.78 -4.92 -5.20
C THR A 128 -23.97 -4.64 -3.90
N ILE A 129 -22.69 -4.27 -4.00
CA ILE A 129 -21.87 -3.90 -2.81
C ILE A 129 -22.16 -2.42 -2.54
N LYS A 130 -22.03 -1.58 -3.58
CA LYS A 130 -22.29 -0.13 -3.50
C LYS A 130 -23.67 0.21 -2.90
N SER A 131 -24.68 -0.55 -3.30
CA SER A 131 -26.06 -0.38 -2.81
CA SER A 131 -26.05 -0.35 -2.80
C SER A 131 -26.21 -0.66 -1.31
N ARG A 132 -25.36 -1.53 -0.77
CA ARG A 132 -25.40 -1.93 0.63
C ARG A 132 -24.34 -1.32 1.57
N VAL A 133 -23.47 -0.42 1.06
CA VAL A 133 -22.42 0.20 1.89
C VAL A 133 -22.44 1.74 1.88
N PHE A 134 -22.32 2.33 3.07
CA PHE A 134 -22.28 3.79 3.27
C PHE A 134 -20.88 4.26 2.90
N ARG A 135 -20.74 4.94 1.77
CA ARG A 135 -19.45 5.41 1.29
C ARG A 135 -18.92 6.63 2.05
N VAL A 136 -17.60 6.65 2.27
CA VAL A 136 -16.91 7.73 3.00
C VAL A 136 -15.58 8.04 2.31
N VAL A 137 -15.47 9.22 1.71
CA VAL A 137 -14.23 9.62 1.03
C VAL A 137 -13.26 10.17 2.06
N VAL A 138 -12.00 9.72 2.00
CA VAL A 138 -10.96 10.19 2.94
C VAL A 138 -9.77 10.80 2.20
N ASN A 139 -9.31 11.93 2.73
CA ASN A 139 -8.19 12.72 2.20
C ASN A 139 -7.21 13.00 3.32
N VAL A 140 -5.92 12.82 3.06
CA VAL A 140 -4.86 13.06 4.05
C VAL A 140 -4.85 14.57 4.20
N PRO A 141 -5.11 15.13 5.41
CA PRO A 141 -5.15 16.59 5.54
C PRO A 141 -3.84 17.31 5.23
N LYS A 142 -3.96 18.57 4.79
CA LYS A 142 -2.79 19.40 4.47
C LYS A 142 -1.87 19.54 5.67
N GLU A 143 -2.47 19.76 6.84
CA GLU A 143 -1.70 19.88 8.09
C GLU A 143 -0.74 18.71 8.34
N PHE A 144 -1.16 17.48 8.04
CA PHE A 144 -0.28 16.30 8.21
C PHE A 144 1.00 16.41 7.36
N ARG A 145 0.85 16.82 6.10
CA ARG A 145 2.00 16.99 5.19
C ARG A 145 2.96 18.03 5.73
N ASP A 146 2.42 19.18 6.13
CA ASP A 146 3.21 20.28 6.72
C ASP A 146 3.87 19.81 8.02
N LEU A 147 3.20 18.91 8.75
CA LEU A 147 3.70 18.40 10.01
C LEU A 147 4.92 17.47 9.76
N VAL A 148 4.86 16.60 8.74
CA VAL A 148 5.98 15.70 8.42
C VAL A 148 7.14 16.47 7.76
N LYS A 149 6.84 17.34 6.78
CA LYS A 149 7.84 18.19 6.12
C LYS A 149 8.71 18.91 7.15
N GLU A 150 8.05 19.52 8.14
CA GLU A 150 8.73 20.24 9.21
C GLU A 150 9.58 19.32 10.10
N LYS A 151 9.15 18.08 10.33
CA LYS A 151 9.92 17.14 11.14
C LYS A 151 11.17 16.63 10.40
N ILE A 152 11.00 16.17 9.15
CA ILE A 152 12.13 15.62 8.34
C ILE A 152 12.89 16.59 7.43
N GLY A 153 12.42 17.83 7.28
CA GLY A 153 13.08 18.86 6.48
C GLY A 153 13.21 18.58 4.99
N ASP A 154 14.42 18.76 4.46
CA ASP A 154 14.74 18.54 3.03
C ASP A 154 14.43 17.11 2.53
N LEU A 155 14.45 16.14 3.44
CA LEU A 155 14.17 14.73 3.17
C LEU A 155 12.79 14.46 2.54
N TRP A 156 11.82 15.34 2.79
CA TRP A 156 10.47 15.23 2.23
C TRP A 156 10.50 15.37 0.71
N GLU A 157 11.17 16.40 0.21
CA GLU A 157 11.29 16.61 -1.24
C GLU A 157 12.17 15.52 -1.88
N GLU A 158 13.08 14.95 -1.09
CA GLU A 158 14.01 13.89 -1.51
C GLU A 158 13.35 12.49 -1.56
N LEU A 159 12.15 12.36 -0.98
CA LEU A 159 11.41 11.10 -0.94
C LEU A 159 9.98 11.34 -1.43
N PRO A 160 9.78 11.49 -2.74
CA PRO A 160 8.45 11.75 -3.31
C PRO A 160 7.31 10.79 -2.96
N LEU A 161 7.60 9.53 -2.63
CA LEU A 161 6.54 8.56 -2.27
C LEU A 161 5.73 8.94 -1.03
N LEU A 162 6.34 9.68 -0.11
CA LEU A 162 5.69 10.05 1.15
C LEU A 162 4.40 10.82 0.99
N GLU A 163 4.33 11.67 -0.03
CA GLU A 163 3.14 12.45 -0.31
C GLU A 163 1.94 11.58 -0.77
N ARG A 164 2.19 10.33 -1.23
CA ARG A 164 1.11 9.44 -1.68
C ARG A 164 0.94 8.13 -0.86
N ASP A 165 1.82 7.85 0.11
CA ASP A 165 1.78 6.68 0.99
C ASP A 165 1.79 7.16 2.47
N PHE A 166 0.60 7.41 3.04
CA PHE A 166 0.47 7.91 4.43
C PHE A 166 1.26 7.16 5.48
N LYS A 167 1.21 5.83 5.44
CA LYS A 167 1.89 5.00 6.44
C LYS A 167 3.40 5.14 6.41
N THR A 168 3.95 5.20 5.20
CA THR A 168 5.39 5.35 5.02
C THR A 168 5.77 6.78 5.46
N ALA A 169 4.91 7.74 5.12
CA ALA A 169 5.12 9.14 5.56
C ALA A 169 5.09 9.19 7.10
N LEU A 170 4.22 8.38 7.72
CA LEU A 170 4.13 8.31 9.19
C LEU A 170 5.38 7.65 9.78
N GLU A 171 5.90 6.56 9.17
CA GLU A 171 7.15 5.92 9.69
C GLU A 171 8.32 6.91 9.63
N ALA A 172 8.34 7.74 8.59
CA ALA A 172 9.38 8.75 8.41
C ALA A 172 9.23 9.78 9.52
N TYR A 173 8.00 10.22 9.77
CA TYR A 173 7.72 11.18 10.85
C TYR A 173 8.12 10.63 12.24
N LYS A 174 7.90 9.34 12.50
CA LYS A 174 8.29 8.74 13.80
C LYS A 174 9.81 8.67 13.95
N LEU A 175 10.53 8.30 12.88
CA LEU A 175 12.01 8.26 12.95
C LEU A 175 12.62 9.63 13.18
N GLY A 176 12.14 10.63 12.44
CA GLY A 176 12.65 12.00 12.53
C GLY A 176 13.81 12.16 11.56
N ALA A 177 14.31 13.39 11.45
CA ALA A 177 15.38 13.74 10.53
C ALA A 177 16.69 12.95 10.64
N GLU A 178 17.27 12.89 11.85
CA GLU A 178 18.55 12.19 12.07
C GLU A 178 18.50 10.68 11.83
N LYS A 179 17.48 10.01 12.33
CA LYS A 179 17.35 8.55 12.14
C LYS A 179 16.98 8.19 10.68
N LEU A 180 16.21 9.06 10.02
CA LEU A 180 15.84 8.85 8.62
C LEU A 180 17.11 8.98 7.80
N SER A 181 17.87 10.05 8.02
CA SER A 181 19.15 10.23 7.32
C SER A 181 20.09 9.08 7.68
N GLY A 182 20.10 8.67 8.96
CA GLY A 182 20.93 7.54 9.38
C GLY A 182 20.55 6.20 8.74
N LEU A 183 19.26 5.99 8.50
CA LEU A 183 18.77 4.76 7.85
C LEU A 183 19.19 4.75 6.39
N GLU A 185 21.85 6.20 5.18
N GLU A 185 21.86 6.20 5.18
CA GLU A 185 23.28 5.95 5.19
CA GLU A 185 23.30 5.93 5.17
C GLU A 185 23.63 4.48 5.51
C GLU A 185 23.64 4.47 5.51
N SER A 186 22.86 3.84 6.39
CA SER A 186 23.10 2.42 6.75
C SER A 186 22.92 1.54 5.50
N LEU A 187 21.88 1.83 4.71
CA LEU A 187 21.61 1.14 3.45
C LEU A 187 22.70 1.46 2.41
N LYS A 188 23.23 2.68 2.46
CA LYS A 188 24.31 3.10 1.53
C LYS A 188 25.60 2.29 1.68
N VAL A 189 25.91 1.85 2.92
CA VAL A 189 27.11 1.06 3.24
C VAL A 189 26.86 -0.46 3.27
N LEU A 190 25.61 -0.86 3.34
CA LEU A 190 25.22 -2.28 3.41
C LEU A 190 25.67 -3.09 2.19
N GLU A 191 26.00 -4.37 2.40
CA GLU A 191 26.44 -5.25 1.31
C GLU A 191 25.26 -5.55 0.39
N THR A 192 25.51 -5.69 -0.91
CA THR A 192 24.44 -5.96 -1.91
C THR A 192 23.58 -7.18 -1.58
N GLU A 193 24.20 -8.28 -1.13
CA GLU A 193 23.47 -9.50 -0.74
C GLU A 193 22.45 -9.19 0.35
N LYS A 194 22.87 -8.41 1.35
CA LYS A 194 22.01 -8.01 2.46
C LYS A 194 20.94 -7.01 2.06
N LEU A 195 21.29 -6.08 1.16
CA LEU A 195 20.36 -5.09 0.67
C LEU A 195 19.19 -5.73 -0.05
N LEU A 196 19.47 -6.78 -0.85
CA LEU A 196 18.42 -7.49 -1.59
C LEU A 196 17.37 -8.19 -0.73
N LYS A 197 17.70 -8.43 0.53
CA LYS A 197 16.79 -9.01 1.49
C LYS A 197 15.78 -7.96 1.98
N LYS A 198 15.98 -6.67 1.65
CA LYS A 198 15.09 -5.59 2.04
C LYS A 198 14.30 -4.94 0.90
N VAL A 199 14.72 -5.11 -0.36
CA VAL A 199 14.02 -4.45 -1.48
C VAL A 199 12.54 -4.85 -1.63
N LEU A 200 12.13 -6.02 -1.11
CA LEU A 200 10.74 -6.44 -1.17
C LEU A 200 9.97 -6.22 0.15
N SER A 201 10.59 -5.57 1.15
CA SER A 201 9.91 -5.30 2.44
C SER A 201 8.82 -4.25 2.29
N LYS A 202 7.86 -4.25 3.20
CA LYS A 202 6.80 -3.27 3.15
C LYS A 202 7.27 -1.94 3.71
N GLY A 203 6.53 -0.91 3.39
CA GLY A 203 6.80 0.41 3.90
C GLY A 203 8.09 1.12 3.56
N LEU A 204 8.54 1.92 4.52
CA LEU A 204 9.72 2.76 4.41
C LEU A 204 11.01 2.06 4.11
N GLU A 205 11.36 1.03 4.88
CA GLU A 205 12.65 0.38 4.63
CA GLU A 205 12.60 0.24 4.65
C GLU A 205 12.71 -0.21 3.21
N GLY A 206 11.65 -0.84 2.73
CA GLY A 206 11.63 -1.36 1.38
C GLY A 206 11.83 -0.28 0.32
N TYR A 207 11.19 0.87 0.52
CA TYR A 207 11.27 2.02 -0.39
C TYR A 207 12.70 2.56 -0.46
N LEU A 208 13.31 2.75 0.71
CA LEU A 208 14.68 3.21 0.82
C LEU A 208 15.65 2.19 0.25
N ALA A 209 15.38 0.91 0.44
CA ALA A 209 16.26 -0.13 -0.15
C ALA A 209 16.13 -0.10 -1.67
N CYS A 210 14.91 0.08 -2.18
CA CYS A 210 14.71 0.19 -3.64
C CYS A 210 15.45 1.42 -4.18
N ARG A 211 15.32 2.56 -3.51
N ARG A 211 15.32 2.56 -3.51
CA ARG A 211 16.02 3.79 -3.92
CA ARG A 211 16.02 3.79 -3.89
C ARG A 211 17.53 3.54 -3.97
C ARG A 211 17.52 3.52 -3.98
N GLU A 212 18.06 2.90 -2.94
CA GLU A 212 19.46 2.57 -2.86
C GLU A 212 19.93 1.61 -3.96
N LEU A 213 19.14 0.59 -4.25
CA LEU A 213 19.52 -0.35 -5.31
C LEU A 213 19.56 0.40 -6.67
N LEU A 214 18.60 1.30 -6.91
CA LEU A 214 18.58 2.06 -8.16
C LEU A 214 19.79 2.94 -8.30
N GLU A 215 20.20 3.56 -7.19
CA GLU A 215 21.36 4.42 -7.16
C GLU A 215 22.61 3.62 -7.48
N ARG A 216 22.68 2.35 -7.04
CA ARG A 216 23.83 1.50 -7.35
C ARG A 216 23.86 1.19 -8.82
N PHE A 217 22.70 0.92 -9.43
CA PHE A 217 22.67 0.67 -10.85
C PHE A 217 22.98 1.95 -11.60
N SER A 218 22.59 3.10 -11.07
CA SER A 218 22.89 4.39 -11.69
C SER A 218 24.40 4.77 -11.62
N LYS A 219 25.06 4.48 -10.51
CA LYS A 219 26.45 4.83 -10.28
C LYS A 219 27.54 3.77 -10.43
N VAL A 220 27.19 2.50 -10.51
CA VAL A 220 28.22 1.45 -10.65
C VAL A 220 29.08 1.75 -11.88
N GLU A 221 30.38 1.49 -11.81
CA GLU A 221 31.24 1.76 -12.96
C GLU A 221 30.77 0.90 -14.15
N SER A 222 30.85 1.49 -15.33
CA SER A 222 30.38 0.88 -16.60
C SER A 222 30.76 -0.60 -16.75
N LYS A 223 32.04 -0.90 -16.50
N LYS A 223 32.03 -0.92 -16.50
CA LYS A 223 32.57 -2.26 -16.56
CA LYS A 223 32.52 -2.30 -16.62
C LYS A 223 31.87 -3.27 -15.64
C LYS A 223 31.95 -3.29 -15.60
N GLU A 224 31.33 -2.80 -14.52
CA GLU A 224 30.69 -3.66 -13.50
C GLU A 224 29.16 -3.65 -13.49
N PHE A 225 28.51 -2.92 -14.39
CA PHE A 225 27.04 -2.89 -14.41
C PHE A 225 26.38 -4.28 -14.52
N PHE A 226 26.78 -5.07 -15.52
CA PHE A 226 26.19 -6.41 -15.67
C PHE A 226 26.55 -7.40 -14.61
N ALA A 227 27.64 -7.16 -13.87
CA ALA A 227 28.02 -8.02 -12.78
C ALA A 227 26.96 -7.78 -11.71
N LEU A 228 26.65 -6.51 -11.44
CA LEU A 228 25.62 -6.17 -10.44
C LEU A 228 24.28 -6.74 -10.89
N PHE A 229 23.95 -6.55 -12.16
CA PHE A 229 22.68 -7.05 -12.71
C PHE A 229 22.53 -8.56 -12.55
N ASP A 230 23.59 -9.31 -12.88
CA ASP A 230 23.58 -10.78 -12.73
C ASP A 230 23.38 -11.19 -11.28
N GLN A 231 24.07 -10.51 -10.36
CA GLN A 231 23.92 -10.78 -8.92
C GLN A 231 22.47 -10.54 -8.46
N VAL A 232 21.83 -9.49 -8.95
CA VAL A 232 20.46 -9.19 -8.57
C VAL A 232 19.47 -10.17 -9.19
N THR A 233 19.62 -10.48 -10.47
CA THR A 233 18.71 -11.39 -11.14
C THR A 233 18.87 -12.86 -10.75
N ASN A 234 20.04 -13.22 -10.20
CA ASN A 234 20.28 -14.58 -9.70
C ASN A 234 19.67 -14.78 -8.30
N THR A 235 19.45 -13.68 -7.56
CA THR A 235 18.86 -13.70 -6.22
C THR A 235 17.35 -13.47 -6.23
N ILE A 236 16.88 -12.55 -7.08
CA ILE A 236 15.46 -12.23 -7.16
C ILE A 236 14.87 -12.71 -8.50
N THR A 237 14.05 -13.76 -8.43
CA THR A 237 13.44 -14.41 -9.61
C THR A 237 11.92 -14.59 -9.49
N GLY A 238 11.28 -14.96 -10.61
CA GLY A 238 9.84 -15.21 -10.67
C GLY A 238 8.96 -14.08 -10.17
N LYS A 239 8.01 -14.41 -9.29
CA LYS A 239 7.09 -13.41 -8.69
C LYS A 239 7.82 -12.27 -7.98
N ASP A 240 8.94 -12.58 -7.34
CA ASP A 240 9.74 -11.57 -6.65
C ASP A 240 10.33 -10.56 -7.65
N ALA A 241 10.83 -11.08 -8.77
CA ALA A 241 11.36 -10.26 -9.84
C ALA A 241 10.25 -9.39 -10.42
N PHE A 242 9.07 -9.95 -10.66
CA PHE A 242 7.94 -9.16 -11.16
C PHE A 242 7.61 -8.02 -10.17
N LEU A 243 7.58 -8.35 -8.87
CA LEU A 243 7.32 -7.37 -7.82
C LEU A 243 8.38 -6.29 -7.79
N LEU A 244 9.66 -6.66 -7.90
CA LEU A 244 10.76 -5.68 -7.92
C LEU A 244 10.61 -4.79 -9.15
N ILE A 245 10.31 -5.39 -10.30
CA ILE A 245 10.10 -4.61 -11.54
C ILE A 245 9.04 -3.53 -11.33
N GLN A 246 7.90 -3.94 -10.80
CA GLN A 246 6.80 -3.00 -10.53
C GLN A 246 7.23 -1.87 -9.60
N ARG A 247 7.87 -2.21 -8.50
CA ARG A 247 8.32 -1.20 -7.56
C ARG A 247 9.35 -0.26 -8.13
N LEU A 248 10.34 -0.80 -8.84
CA LEU A 248 11.37 0.04 -9.42
C LEU A 248 10.79 0.94 -10.53
N THR A 249 9.89 0.39 -11.36
CA THR A 249 9.25 1.15 -12.44
C THR A 249 8.55 2.36 -11.86
N ARG A 250 7.82 2.17 -10.73
CA ARG A 250 7.15 3.28 -10.04
C ARG A 250 8.13 4.33 -9.55
N ILE A 251 9.23 3.91 -8.94
CA ILE A 251 10.26 4.84 -8.45
C ILE A 251 10.92 5.58 -9.62
N ILE A 252 11.31 4.86 -10.66
CA ILE A 252 11.95 5.46 -11.85
C ILE A 252 11.00 6.50 -12.49
N LEU A 253 9.72 6.15 -12.61
CA LEU A 253 8.73 7.07 -13.16
C LEU A 253 8.55 8.32 -12.33
N HIS A 254 8.23 8.12 -11.06
CA HIS A 254 7.96 9.24 -10.16
C HIS A 254 9.16 10.01 -9.67
N GLU A 255 10.37 9.46 -9.76
CA GLU A 255 11.57 10.15 -9.27
C GLU A 255 12.58 10.55 -10.37
N ASN A 256 12.04 11.07 -11.47
CA ASN A 256 12.74 11.56 -12.66
C ASN A 256 11.76 12.48 -13.41
N THR A 257 12.27 13.40 -14.21
CA THR A 257 11.43 14.31 -15.02
C THR A 257 11.54 13.82 -16.48
N TRP A 258 10.46 13.96 -17.25
CA TRP A 258 10.42 13.46 -18.64
C TRP A 258 9.95 14.46 -19.72
N GLU A 259 10.75 15.49 -19.97
CA GLU A 259 10.43 16.51 -20.96
C GLU A 259 10.70 16.21 -22.44
N SER A 260 11.80 15.51 -22.73
CA SER A 260 12.19 15.18 -24.11
C SER A 260 11.30 14.25 -24.94
N VAL A 261 11.59 14.17 -26.23
CA VAL A 261 10.87 13.29 -27.17
C VAL A 261 11.29 11.84 -26.90
N GLU A 262 12.60 11.66 -26.62
CA GLU A 262 13.16 10.36 -26.31
C GLU A 262 12.59 9.92 -24.97
N ASP A 263 12.46 10.86 -24.04
CA ASP A 263 11.88 10.58 -22.73
C ASP A 263 10.45 10.08 -22.87
N GLN A 264 9.71 10.61 -23.84
CA GLN A 264 8.31 10.20 -24.06
C GLN A 264 8.22 8.70 -24.50
N LYS A 265 9.26 8.19 -25.17
CA LYS A 265 9.30 6.77 -25.53
C LYS A 265 9.52 5.99 -24.23
N SER A 266 10.47 6.44 -23.40
CA SER A 266 10.78 5.79 -22.12
C SER A 266 9.60 5.78 -21.16
N VAL A 267 8.92 6.91 -21.03
CA VAL A 267 7.74 7.03 -20.17
C VAL A 267 6.65 6.09 -20.63
N SER A 268 6.42 6.03 -21.95
CA SER A 268 5.40 5.14 -22.52
C SER A 268 5.69 3.69 -22.21
N PHE A 269 6.98 3.32 -22.24
CA PHE A 269 7.42 1.97 -21.92
C PHE A 269 7.21 1.71 -20.42
N LEU A 270 7.68 2.61 -19.56
CA LEU A 270 7.52 2.50 -18.11
C LEU A 270 6.04 2.40 -17.71
N ASP A 271 5.18 3.27 -18.27
CA ASP A 271 3.73 3.23 -17.99
C ASP A 271 3.12 1.89 -18.38
N SER A 272 3.55 1.35 -19.52
CA SER A 272 3.06 0.06 -20.01
C SER A 272 3.38 -1.12 -19.10
N ILE A 273 4.58 -1.12 -18.50
CA ILE A 273 5.04 -2.21 -17.60
C ILE A 273 4.08 -2.43 -16.43
N LEU A 274 3.55 -1.34 -15.90
CA LEU A 274 2.62 -1.36 -14.78
C LEU A 274 1.32 -2.12 -15.05
N ARG A 275 0.89 -2.13 -16.32
CA ARG A 275 -0.33 -2.78 -16.75
C ARG A 275 -0.13 -4.21 -17.30
N VAL A 276 1.10 -4.70 -17.37
CA VAL A 276 1.39 -6.05 -17.91
C VAL A 276 1.29 -7.09 -16.81
N LYS A 277 0.67 -8.23 -17.12
CA LYS A 277 0.52 -9.33 -16.15
C LYS A 277 1.78 -10.16 -16.16
N ILE A 278 2.09 -10.78 -15.02
CA ILE A 278 3.32 -11.59 -14.85
C ILE A 278 3.56 -12.65 -15.94
N ALA A 279 2.49 -13.29 -16.44
CA ALA A 279 2.62 -14.31 -17.48
C ALA A 279 3.09 -13.81 -18.85
N ASN A 280 2.87 -12.52 -19.16
CA ASN A 280 3.23 -11.92 -20.45
C ASN A 280 4.48 -11.02 -20.47
N LEU A 281 5.31 -11.06 -19.44
CA LEU A 281 6.50 -10.22 -19.34
C LEU A 281 7.76 -11.07 -19.22
N ASN A 282 8.85 -10.64 -19.84
CA ASN A 282 10.16 -11.30 -19.72
C ASN A 282 10.77 -10.46 -18.61
N ASN A 283 11.01 -11.07 -17.44
CA ASN A 283 11.54 -10.32 -16.29
C ASN A 283 12.91 -9.67 -16.49
N LYS A 284 13.92 -10.48 -16.84
CA LYS A 284 15.31 -9.98 -17.02
C LYS A 284 15.44 -8.92 -18.11
N LEU A 285 14.77 -9.13 -19.24
CA LEU A 285 14.80 -8.12 -20.31
C LEU A 285 14.15 -6.83 -19.84
N THR A 286 13.02 -6.93 -19.15
CA THR A 286 12.32 -5.74 -18.65
C THR A 286 13.15 -5.01 -17.60
N LEU A 287 13.69 -5.75 -16.63
CA LEU A 287 14.51 -5.15 -15.56
C LEU A 287 15.72 -4.42 -16.16
N ASN A 289 16.03 -3.13 -19.13
CA ASN A 289 15.59 -1.92 -19.81
C ASN A 289 15.22 -0.77 -18.87
N ILE A 290 14.47 -1.02 -17.80
CA ILE A 290 14.08 0.08 -16.87
C ILE A 290 15.32 0.67 -16.18
N LEU A 291 16.22 -0.20 -15.74
CA LEU A 291 17.46 0.19 -15.08
C LEU A 291 18.36 0.97 -16.02
N ALA A 292 18.46 0.54 -17.27
CA ALA A 292 19.24 1.24 -18.28
C ALA A 292 18.62 2.59 -18.53
N ILE A 293 17.28 2.64 -18.61
CA ILE A 293 16.58 3.92 -18.79
C ILE A 293 16.95 4.89 -17.67
N HIS A 294 16.88 4.41 -16.43
CA HIS A 294 17.19 5.19 -15.25
C HIS A 294 18.64 5.66 -15.19
N ARG A 295 19.55 4.72 -15.43
CA ARG A 295 20.99 4.98 -15.45
C ARG A 295 21.36 6.05 -16.47
N GLU A 296 20.84 5.93 -17.68
CA GLU A 296 21.16 6.89 -18.73
C GLU A 296 20.48 8.24 -18.49
N ARG A 297 19.28 8.24 -17.90
CA ARG A 297 18.56 9.48 -17.57
C ARG A 297 19.38 10.26 -16.55
N LYS A 298 19.88 9.56 -15.53
CA LYS A 298 20.75 10.17 -14.52
C LYS A 298 22.12 10.68 -15.03
N ARG A 299 22.60 10.14 -16.15
CA ARG A 299 23.89 10.54 -16.76
C ARG A 299 23.76 11.78 -17.65
#